data_5HK0
#
_entry.id   5HK0
#
_cell.length_a   68.338
_cell.length_b   68.338
_cell.length_c   88.364
_cell.angle_alpha   90.000
_cell.angle_beta   90.000
_cell.angle_gamma   120.000
#
_symmetry.space_group_name_H-M   'P 32'
#
loop_
_entity.id
_entity.type
_entity.pdbx_description
1 polymer 'Endoribonuclease MazF6'
2 polymer "RNA (5'-R(*AP*GP*UP*C)-D(P*U)-R(P*CP*CP*UP*UP*UP*C)-3')"
3 water water
#
loop_
_entity_poly.entity_id
_entity_poly.type
_entity_poly.pdbx_seq_one_letter_code
_entity_poly.pdbx_strand_id
1 'polypeptide(L)'
;MVISRAEIYWADLGPPSGSQPAKRRPVLVIQSDPYNASRLATVIAAVITSNTALAAMPGNVFLPATTTRLPRDSVVNVTA
IVTLNKTDLTDRVGEVPASLMHEVDRGLRRVLDL
;
A,B,C,D
2 'polyribonucleotide' AGUC(DU)CCUUUC E,F
#
# COMPACT_ATOMS: atom_id res chain seq x y z
N MET A 1 -4.15 6.97 27.57
CA MET A 1 -3.47 5.88 28.26
C MET A 1 -3.45 4.60 27.44
N VAL A 2 -3.62 3.47 28.11
CA VAL A 2 -3.61 2.17 27.45
C VAL A 2 -5.03 1.79 27.05
N ILE A 3 -5.60 2.55 26.12
CA ILE A 3 -6.92 2.24 25.58
C ILE A 3 -6.81 1.07 24.61
N SER A 4 -7.53 0.00 24.90
CA SER A 4 -7.39 -1.24 24.13
C SER A 4 -8.64 -1.55 23.31
N ARG A 5 -8.48 -2.45 22.35
CA ARG A 5 -9.59 -2.89 21.51
C ARG A 5 -10.58 -3.73 22.34
N ALA A 6 -11.80 -3.86 21.83
CA ALA A 6 -12.87 -4.63 22.48
C ALA A 6 -13.32 -4.03 23.81
N GLU A 7 -12.79 -2.87 24.17
CA GLU A 7 -13.14 -2.25 25.44
C GLU A 7 -14.23 -1.22 25.28
N ILE A 8 -15.04 -1.05 26.32
CA ILE A 8 -16.18 -0.15 26.27
C ILE A 8 -15.96 1.08 27.16
N TYR A 9 -16.27 2.26 26.61
CA TYR A 9 -16.11 3.51 27.32
C TYR A 9 -17.38 4.37 27.26
N TRP A 10 -17.49 5.29 28.20
CA TRP A 10 -18.50 6.35 28.11
C TRP A 10 -17.90 7.56 27.42
N ALA A 11 -18.64 8.12 26.45
CA ALA A 11 -18.12 9.23 25.67
C ALA A 11 -19.19 10.26 25.35
N ASP A 12 -18.79 11.53 25.32
CA ASP A 12 -19.68 12.62 24.91
C ASP A 12 -19.67 12.76 23.40
N LEU A 13 -20.48 11.96 22.73
CA LEU A 13 -20.53 11.95 21.27
C LEU A 13 -21.17 13.22 20.71
N GLY A 14 -20.44 13.91 19.84
CA GLY A 14 -20.95 15.10 19.20
C GLY A 14 -21.94 14.75 18.12
N PRO A 15 -23.06 15.49 18.06
CA PRO A 15 -24.11 15.26 17.06
C PRO A 15 -23.77 15.84 15.70
N PRO A 21 -26.02 20.41 22.06
CA PRO A 21 -26.08 19.28 22.99
C PRO A 21 -25.46 18.00 22.45
N ALA A 22 -24.32 17.60 23.01
CA ALA A 22 -23.70 16.33 22.66
C ALA A 22 -24.32 15.21 23.51
N LYS A 23 -24.19 13.98 23.04
CA LYS A 23 -24.78 12.84 23.74
C LYS A 23 -23.74 12.00 24.45
N ARG A 24 -24.10 11.54 25.65
CA ARG A 24 -23.23 10.66 26.43
C ARG A 24 -23.63 9.20 26.21
N ARG A 25 -22.89 8.51 25.34
CA ARG A 25 -23.23 7.16 24.95
C ARG A 25 -22.07 6.20 25.14
N PRO A 26 -22.35 4.88 25.22
CA PRO A 26 -21.26 3.91 25.27
C PRO A 26 -20.65 3.68 23.90
N VAL A 27 -19.32 3.54 23.84
CA VAL A 27 -18.65 3.25 22.58
C VAL A 27 -17.71 2.07 22.71
N LEU A 28 -17.64 1.26 21.66
CA LEU A 28 -16.77 0.09 21.65
C LEU A 28 -15.53 0.33 20.79
N VAL A 29 -14.37 0.38 21.43
CA VAL A 29 -13.12 0.64 20.74
C VAL A 29 -12.80 -0.47 19.73
N ILE A 30 -12.75 -0.09 18.46
CA ILE A 30 -12.49 -1.06 17.39
C ILE A 30 -11.17 -0.79 16.69
N GLN A 31 -10.46 0.25 17.12
CA GLN A 31 -9.13 0.54 16.59
C GLN A 31 -8.13 -0.46 17.16
N SER A 32 -7.24 -0.96 16.30
CA SER A 32 -6.28 -1.99 16.70
C SER A 32 -5.30 -1.46 17.75
N ASP A 33 -4.85 -2.36 18.61
CA ASP A 33 -3.95 -2.02 19.71
C ASP A 33 -2.61 -1.37 19.29
N PRO A 34 -2.01 -1.80 18.16
CA PRO A 34 -0.80 -1.08 17.72
C PRO A 34 -1.02 0.42 17.50
N TYR A 35 -2.10 0.78 16.81
CA TYR A 35 -2.42 2.19 16.61
C TYR A 35 -2.84 2.84 17.93
N ASN A 36 -3.45 2.03 18.80
CA ASN A 36 -3.82 2.50 20.13
C ASN A 36 -2.60 2.80 20.99
N ALA A 37 -1.52 2.07 20.76
CA ALA A 37 -0.30 2.26 21.52
C ALA A 37 0.56 3.37 20.92
N SER A 38 0.28 3.74 19.67
CA SER A 38 1.07 4.74 18.97
C SER A 38 0.82 6.14 19.50
N ARG A 39 1.42 7.12 18.83
CA ARG A 39 1.30 8.52 19.23
C ARG A 39 0.09 9.18 18.57
N LEU A 40 -0.66 8.38 17.83
CA LEU A 40 -1.91 8.84 17.22
C LEU A 40 -2.89 9.30 18.29
N ALA A 41 -3.36 10.53 18.17
CA ALA A 41 -4.18 11.13 19.22
C ALA A 41 -5.62 10.64 19.22
N THR A 42 -6.00 9.92 18.17
CA THR A 42 -7.40 9.54 17.99
C THR A 42 -7.66 8.03 18.06
N VAL A 43 -8.87 7.67 18.48
CA VAL A 43 -9.30 6.29 18.55
C VAL A 43 -10.64 6.10 17.85
N ILE A 44 -10.75 5.06 17.03
CA ILE A 44 -11.98 4.76 16.31
C ILE A 44 -12.84 3.78 17.10
N ALA A 45 -14.13 4.06 17.20
CA ALA A 45 -15.04 3.23 17.98
C ALA A 45 -16.43 3.14 17.36
N ALA A 46 -17.15 2.07 17.68
CA ALA A 46 -18.53 1.90 17.24
C ALA A 46 -19.50 2.24 18.37
N VAL A 47 -20.50 3.06 18.06
CA VAL A 47 -21.45 3.50 19.07
C VAL A 47 -22.32 2.36 19.57
N ILE A 48 -22.49 2.28 20.89
CA ILE A 48 -23.37 1.30 21.50
C ILE A 48 -24.70 1.96 21.86
N THR A 49 -25.80 1.32 21.49
CA THR A 49 -27.12 1.88 21.74
C THR A 49 -27.93 1.05 22.74
N SER A 50 -28.84 1.71 23.43
CA SER A 50 -29.76 1.02 24.34
C SER A 50 -31.01 0.60 23.58
N ASN A 51 -31.15 1.12 22.37
CA ASN A 51 -32.23 0.73 21.48
C ASN A 51 -31.97 -0.67 20.93
N THR A 52 -32.52 -1.67 21.60
CA THR A 52 -32.25 -3.06 21.26
C THR A 52 -33.04 -3.54 20.04
N ALA A 53 -33.70 -2.62 19.35
CA ALA A 53 -34.39 -2.94 18.12
C ALA A 53 -33.41 -2.93 16.96
N LEU A 54 -32.27 -2.28 17.15
CA LEU A 54 -31.23 -2.20 16.13
C LEU A 54 -30.47 -3.51 16.02
N ALA A 55 -30.77 -4.45 16.91
CA ALA A 55 -30.14 -5.76 16.86
C ALA A 55 -30.57 -6.52 15.61
N ALA A 56 -31.74 -6.19 15.10
CA ALA A 56 -32.27 -6.82 13.89
C ALA A 56 -31.47 -6.42 12.66
N MET A 57 -30.74 -5.31 12.77
CA MET A 57 -29.88 -4.87 11.69
C MET A 57 -28.69 -5.82 11.54
N PRO A 58 -28.39 -6.22 10.30
CA PRO A 58 -27.44 -7.28 9.92
C PRO A 58 -26.15 -7.34 10.74
N GLY A 59 -25.26 -6.39 10.53
CA GLY A 59 -23.96 -6.41 11.18
C GLY A 59 -24.00 -6.18 12.68
N ASN A 60 -25.06 -5.55 13.16
CA ASN A 60 -25.18 -5.20 14.58
C ASN A 60 -25.17 -6.42 15.49
N VAL A 61 -24.59 -6.24 16.68
CA VAL A 61 -24.46 -7.33 17.64
C VAL A 61 -25.10 -6.95 18.98
N PHE A 62 -26.03 -7.79 19.44
CA PHE A 62 -26.69 -7.55 20.72
C PHE A 62 -25.73 -7.83 21.88
N LEU A 63 -25.75 -6.94 22.86
CA LEU A 63 -24.86 -7.06 24.01
C LEU A 63 -25.65 -7.26 25.30
N PRO A 64 -25.68 -8.51 25.80
CA PRO A 64 -26.33 -8.82 27.08
C PRO A 64 -25.75 -8.00 28.22
N ALA A 65 -26.61 -7.51 29.10
CA ALA A 65 -26.19 -6.64 30.20
C ALA A 65 -25.25 -7.35 31.17
N THR A 66 -25.33 -8.67 31.20
CA THR A 66 -24.50 -9.48 32.10
C THR A 66 -23.03 -9.45 31.68
N THR A 67 -22.78 -9.28 30.39
CA THR A 67 -21.44 -9.39 29.84
C THR A 67 -20.73 -8.04 29.70
N THR A 68 -21.50 -6.97 29.56
CA THR A 68 -20.93 -5.67 29.21
C THR A 68 -20.77 -4.72 30.40
N ARG A 69 -21.32 -5.10 31.55
CA ARG A 69 -21.29 -4.27 32.77
C ARG A 69 -22.03 -2.94 32.56
N LEU A 70 -22.77 -2.86 31.45
CA LEU A 70 -23.59 -1.69 31.16
C LEU A 70 -24.90 -1.76 31.95
N PRO A 71 -25.50 -0.59 32.24
CA PRO A 71 -26.72 -0.57 33.06
C PRO A 71 -27.88 -1.36 32.47
N ARG A 72 -27.98 -1.40 31.14
CA ARG A 72 -29.08 -2.11 30.49
C ARG A 72 -28.59 -2.93 29.30
N ASP A 73 -29.49 -3.75 28.74
CA ASP A 73 -29.19 -4.51 27.53
C ASP A 73 -28.92 -3.55 26.38
N SER A 74 -27.83 -3.78 25.66
CA SER A 74 -27.39 -2.85 24.63
C SER A 74 -27.07 -3.51 23.31
N VAL A 75 -26.92 -2.69 22.27
CA VAL A 75 -26.55 -3.16 20.95
C VAL A 75 -25.45 -2.28 20.37
N VAL A 76 -24.35 -2.89 19.93
CA VAL A 76 -23.30 -2.11 19.28
C VAL A 76 -23.74 -1.77 17.87
N ASN A 77 -23.81 -0.48 17.57
CA ASN A 77 -24.25 -0.02 16.27
C ASN A 77 -23.09 0.02 15.29
N VAL A 78 -22.97 -1.04 14.49
CA VAL A 78 -21.87 -1.20 13.56
C VAL A 78 -21.88 -0.12 12.46
N THR A 79 -23.07 0.40 12.16
CA THR A 79 -23.21 1.48 11.20
C THR A 79 -22.85 2.84 11.80
N ALA A 80 -22.69 2.88 13.12
CA ALA A 80 -22.34 4.11 13.82
C ALA A 80 -20.88 4.07 14.26
N ILE A 81 -20.01 4.65 13.45
CA ILE A 81 -18.58 4.66 13.72
C ILE A 81 -18.08 6.07 13.98
N VAL A 82 -17.38 6.25 15.10
CA VAL A 82 -16.94 7.58 15.52
C VAL A 82 -15.44 7.63 15.82
N THR A 83 -14.79 8.73 15.44
CA THR A 83 -13.40 8.96 15.77
C THR A 83 -13.29 9.91 16.97
N LEU A 84 -12.67 9.43 18.04
CA LEU A 84 -12.54 10.21 19.27
C LEU A 84 -11.08 10.34 19.71
N ASN A 85 -10.79 11.37 20.48
CA ASN A 85 -9.46 11.54 21.06
C ASN A 85 -9.22 10.56 22.19
N LYS A 86 -7.96 10.22 22.43
CA LYS A 86 -7.60 9.29 23.51
C LYS A 86 -7.93 9.87 24.87
N THR A 87 -7.85 11.18 25.00
CA THR A 87 -8.10 11.86 26.26
C THR A 87 -9.58 11.89 26.60
N ASP A 88 -10.43 11.60 25.62
CA ASP A 88 -11.87 11.64 25.80
C ASP A 88 -12.44 10.26 26.12
N LEU A 89 -11.56 9.27 26.19
CA LEU A 89 -11.96 7.91 26.55
C LEU A 89 -11.37 7.52 27.90
N THR A 90 -11.96 8.03 28.98
CA THR A 90 -11.47 7.76 30.32
C THR A 90 -12.44 6.90 31.11
N ASP A 91 -13.73 7.19 31.00
CA ASP A 91 -14.75 6.43 31.71
C ASP A 91 -14.85 5.01 31.15
N ARG A 92 -14.11 4.09 31.75
CA ARG A 92 -14.07 2.71 31.29
C ARG A 92 -15.15 1.85 31.97
N VAL A 93 -15.84 1.05 31.18
CA VAL A 93 -16.85 0.14 31.72
C VAL A 93 -16.30 -1.29 31.80
N GLY A 94 -16.15 -1.92 30.64
CA GLY A 94 -15.63 -3.28 30.57
C GLY A 94 -15.22 -3.66 29.17
N GLU A 95 -14.89 -4.94 28.98
CA GLU A 95 -14.45 -5.42 27.67
C GLU A 95 -15.41 -6.47 27.10
N VAL A 96 -15.70 -6.34 25.81
CA VAL A 96 -16.53 -7.32 25.12
C VAL A 96 -15.74 -8.61 24.90
N PRO A 97 -16.27 -9.74 25.40
CA PRO A 97 -15.63 -11.07 25.29
C PRO A 97 -15.27 -11.43 23.85
N ALA A 98 -14.32 -12.35 23.70
CA ALA A 98 -13.82 -12.74 22.38
C ALA A 98 -14.90 -13.36 21.51
N SER A 99 -15.91 -13.97 22.15
CA SER A 99 -16.99 -14.61 21.44
C SER A 99 -17.90 -13.61 20.72
N LEU A 100 -18.20 -12.50 21.40
CA LEU A 100 -19.07 -11.48 20.83
C LEU A 100 -18.31 -10.52 19.91
N MET A 101 -17.02 -10.31 20.19
CA MET A 101 -16.22 -9.39 19.40
C MET A 101 -16.03 -9.90 17.97
N HIS A 102 -16.02 -11.22 17.82
CA HIS A 102 -15.90 -11.82 16.49
C HIS A 102 -17.14 -11.50 15.64
N GLU A 103 -18.29 -11.44 16.29
CA GLU A 103 -19.53 -11.07 15.61
C GLU A 103 -19.46 -9.61 15.16
N VAL A 104 -18.76 -8.80 15.95
CA VAL A 104 -18.56 -7.39 15.61
C VAL A 104 -17.60 -7.28 14.42
N ASP A 105 -16.63 -8.20 14.36
CA ASP A 105 -15.69 -8.24 13.25
C ASP A 105 -16.39 -8.48 11.93
N ARG A 106 -17.24 -9.52 11.89
CA ARG A 106 -17.98 -9.88 10.69
C ARG A 106 -18.94 -8.76 10.30
N GLY A 107 -19.52 -8.10 11.30
CA GLY A 107 -20.43 -6.99 11.05
C GLY A 107 -19.70 -5.80 10.47
N LEU A 108 -18.51 -5.52 11.00
CA LEU A 108 -17.68 -4.43 10.50
C LEU A 108 -17.21 -4.71 9.08
N ARG A 109 -16.89 -5.96 8.79
CA ARG A 109 -16.52 -6.36 7.43
C ARG A 109 -17.72 -6.23 6.51
N ARG A 110 -18.91 -6.48 7.05
CA ARG A 110 -20.14 -6.45 6.28
C ARG A 110 -20.53 -5.02 5.90
N VAL A 111 -20.50 -4.13 6.89
CA VAL A 111 -20.89 -2.74 6.68
C VAL A 111 -19.83 -1.99 5.86
N LEU A 112 -18.56 -2.29 6.12
CA LEU A 112 -17.47 -1.59 5.44
C LEU A 112 -16.98 -2.33 4.19
N ASP A 113 -17.63 -3.45 3.87
CA ASP A 113 -17.28 -4.26 2.70
C ASP A 113 -15.81 -4.65 2.70
N LEU A 114 -15.38 -5.31 3.78
CA LEU A 114 -13.99 -5.74 3.92
C LEU A 114 -13.87 -7.26 3.89
N MET B 1 -29.52 11.67 -2.86
CA MET B 1 -28.81 11.36 -4.10
C MET B 1 -28.36 9.90 -4.11
N VAL B 2 -27.58 9.54 -5.12
CA VAL B 2 -27.06 8.18 -5.24
C VAL B 2 -25.66 8.09 -4.65
N ILE B 3 -25.55 7.46 -3.49
CA ILE B 3 -24.26 7.32 -2.82
C ILE B 3 -23.79 5.86 -2.90
N SER B 4 -22.57 5.66 -3.40
CA SER B 4 -22.00 4.33 -3.49
C SER B 4 -20.57 4.31 -2.97
N ARG B 5 -20.09 3.11 -2.63
CA ARG B 5 -18.77 2.94 -2.07
C ARG B 5 -17.69 3.34 -3.08
N ALA B 6 -16.50 3.63 -2.55
CA ALA B 6 -15.31 3.98 -3.35
C ALA B 6 -15.41 5.35 -4.02
N GLU B 7 -16.55 6.02 -3.89
CA GLU B 7 -16.72 7.34 -4.47
C GLU B 7 -16.27 8.43 -3.50
N ILE B 8 -15.71 9.50 -4.05
CA ILE B 8 -15.27 10.63 -3.24
C ILE B 8 -16.29 11.76 -3.30
N TYR B 9 -16.70 12.25 -2.13
CA TYR B 9 -17.66 13.34 -2.03
C TYR B 9 -17.11 14.51 -1.23
N TRP B 10 -17.46 15.72 -1.63
CA TRP B 10 -17.22 16.88 -0.80
C TRP B 10 -18.29 16.92 0.29
N ALA B 11 -17.87 16.71 1.53
CA ALA B 11 -18.81 16.61 2.65
C ALA B 11 -18.85 17.88 3.48
N ASP B 12 -20.01 18.15 4.07
CA ASP B 12 -20.17 19.26 4.99
C ASP B 12 -20.03 18.79 6.43
N LEU B 13 -18.96 19.25 7.09
CA LEU B 13 -18.70 18.85 8.47
C LEU B 13 -18.96 20.00 9.44
N PRO B 21 -21.16 27.80 10.23
CA PRO B 21 -20.47 27.46 8.98
C PRO B 21 -19.71 26.13 9.08
N ALA B 22 -20.18 25.13 8.34
CA ALA B 22 -19.56 23.82 8.36
C ALA B 22 -18.18 23.85 7.71
N LYS B 23 -17.33 22.89 8.10
CA LYS B 23 -16.00 22.77 7.52
C LYS B 23 -16.01 21.75 6.39
N ARG B 24 -15.99 22.22 5.16
CA ARG B 24 -16.10 21.33 4.01
C ARG B 24 -14.82 20.55 3.75
N ARG B 25 -14.96 19.24 3.61
CA ARG B 25 -13.84 18.36 3.33
C ARG B 25 -14.23 17.21 2.41
N PRO B 26 -13.31 16.77 1.55
CA PRO B 26 -13.56 15.57 0.73
C PRO B 26 -13.52 14.31 1.57
N VAL B 27 -14.44 13.38 1.32
CA VAL B 27 -14.47 12.13 2.07
C VAL B 27 -14.53 10.93 1.13
N LEU B 28 -14.07 9.78 1.61
CA LEU B 28 -14.11 8.54 0.84
C LEU B 28 -15.09 7.56 1.48
N VAL B 29 -16.20 7.32 0.79
CA VAL B 29 -17.20 6.37 1.29
C VAL B 29 -16.62 4.97 1.36
N ILE B 30 -16.69 4.37 2.55
CA ILE B 30 -16.15 3.03 2.76
C ILE B 30 -17.23 2.06 3.23
N GLN B 31 -18.43 2.58 3.44
CA GLN B 31 -19.56 1.74 3.80
C GLN B 31 -20.00 0.93 2.59
N SER B 32 -20.43 -0.31 2.82
CA SER B 32 -20.83 -1.19 1.72
C SER B 32 -22.11 -0.68 1.05
N ASP B 33 -22.21 -0.95 -0.25
CA ASP B 33 -23.30 -0.44 -1.08
C ASP B 33 -24.74 -0.82 -0.68
N PRO B 34 -24.96 -2.03 -0.10
CA PRO B 34 -26.34 -2.29 0.32
C PRO B 34 -26.85 -1.31 1.38
N TYR B 35 -26.00 -0.93 2.32
CA TYR B 35 -26.38 0.05 3.34
C TYR B 35 -26.52 1.44 2.73
N ASN B 36 -25.72 1.71 1.69
CA ASN B 36 -25.76 3.00 1.02
C ASN B 36 -27.06 3.22 0.26
N ALA B 37 -27.65 2.14 -0.24
CA ALA B 37 -28.88 2.23 -1.02
C ALA B 37 -30.11 2.16 -0.11
N SER B 38 -29.91 1.77 1.14
CA SER B 38 -31.00 1.62 2.09
C SER B 38 -31.54 2.97 2.57
N ARG B 39 -32.52 2.90 3.47
CA ARG B 39 -33.11 4.11 4.05
C ARG B 39 -32.28 4.61 5.23
N LEU B 40 -31.20 3.90 5.54
CA LEU B 40 -30.25 4.31 6.58
C LEU B 40 -29.83 5.76 6.35
N ALA B 41 -29.98 6.59 7.37
CA ALA B 41 -29.77 8.02 7.23
C ALA B 41 -28.29 8.39 7.06
N THR B 42 -27.40 7.53 7.54
CA THR B 42 -25.98 7.89 7.61
C THR B 42 -25.07 7.11 6.66
N VAL B 43 -23.93 7.72 6.34
CA VAL B 43 -22.90 7.09 5.51
C VAL B 43 -21.55 7.17 6.21
N ILE B 44 -20.85 6.04 6.28
CA ILE B 44 -19.51 5.99 6.86
C ILE B 44 -18.47 6.34 5.80
N ALA B 45 -17.56 7.25 6.14
CA ALA B 45 -16.55 7.69 5.18
C ALA B 45 -15.21 7.98 5.85
N ALA B 46 -14.15 7.99 5.05
CA ALA B 46 -12.81 8.34 5.52
C ALA B 46 -12.48 9.77 5.10
N VAL B 47 -11.97 10.55 6.04
CA VAL B 47 -11.66 11.95 5.78
C VAL B 47 -10.39 12.10 4.95
N ILE B 48 -10.49 12.89 3.89
CA ILE B 48 -9.38 13.07 2.96
C ILE B 48 -8.77 14.47 3.07
N THR B 49 -7.44 14.53 3.17
CA THR B 49 -6.74 15.80 3.29
C THR B 49 -5.80 16.04 2.11
N SER B 50 -5.40 17.30 1.93
CA SER B 50 -4.44 17.64 0.87
C SER B 50 -3.02 17.63 1.42
N ASN B 51 -2.90 17.45 2.73
CA ASN B 51 -1.61 17.30 3.37
C ASN B 51 -1.00 15.94 3.03
N THR B 52 -0.04 15.94 2.12
CA THR B 52 0.52 14.69 1.60
C THR B 52 1.45 14.01 2.61
N ALA B 53 1.76 14.72 3.69
CA ALA B 53 2.64 14.18 4.73
C ALA B 53 2.00 13.00 5.45
N LEU B 54 0.67 12.94 5.43
CA LEU B 54 -0.06 11.90 6.14
C LEU B 54 -0.01 10.56 5.40
N ALA B 55 0.54 10.57 4.19
CA ALA B 55 0.70 9.33 3.43
C ALA B 55 1.82 8.47 4.01
N ALA B 56 2.61 9.06 4.90
CA ALA B 56 3.69 8.35 5.57
C ALA B 56 3.15 7.43 6.66
N MET B 57 1.97 7.76 7.17
CA MET B 57 1.33 6.92 8.18
C MET B 57 0.94 5.58 7.55
N PRO B 58 1.13 4.48 8.29
CA PRO B 58 0.99 3.11 7.83
C PRO B 58 -0.24 2.83 6.95
N GLY B 59 -1.43 3.00 7.51
CA GLY B 59 -2.64 2.64 6.81
C GLY B 59 -3.05 3.58 5.69
N ASN B 60 -2.56 4.81 5.75
CA ASN B 60 -2.97 5.85 4.79
C ASN B 60 -2.51 5.55 3.37
N VAL B 61 -3.36 5.88 2.40
CA VAL B 61 -3.00 5.71 0.99
C VAL B 61 -3.02 7.06 0.28
N PHE B 62 -2.20 7.18 -0.76
CA PHE B 62 -2.12 8.43 -1.52
C PHE B 62 -3.00 8.37 -2.76
N LEU B 63 -3.68 9.48 -3.04
CA LEU B 63 -4.52 9.59 -4.23
C LEU B 63 -4.12 10.80 -5.07
N PRO B 64 -3.64 10.54 -6.30
CA PRO B 64 -3.25 11.64 -7.20
C PRO B 64 -4.47 12.39 -7.71
N ALA B 65 -4.31 13.67 -8.03
CA ALA B 65 -5.40 14.49 -8.50
C ALA B 65 -5.91 14.03 -9.86
N THR B 66 -5.02 13.42 -10.64
CA THR B 66 -5.34 13.01 -12.01
C THR B 66 -6.36 11.89 -12.08
N THR B 67 -6.49 11.11 -11.00
CA THR B 67 -7.43 9.99 -10.99
C THR B 67 -8.68 10.31 -10.19
N THR B 68 -8.54 11.23 -9.23
CA THR B 68 -9.62 11.52 -8.29
C THR B 68 -10.42 12.77 -8.65
N ARG B 69 -9.95 13.50 -9.66
CA ARG B 69 -10.58 14.74 -10.10
C ARG B 69 -10.61 15.82 -9.01
N LEU B 70 -9.90 15.58 -7.92
CA LEU B 70 -9.77 16.58 -6.86
C LEU B 70 -8.81 17.68 -7.32
N PRO B 71 -8.99 18.90 -6.81
CA PRO B 71 -8.15 20.03 -7.21
C PRO B 71 -6.66 19.81 -6.91
N ARG B 72 -6.35 18.94 -5.95
CA ARG B 72 -4.97 18.64 -5.61
C ARG B 72 -4.74 17.17 -5.29
N ASP B 73 -3.48 16.76 -5.27
CA ASP B 73 -3.11 15.43 -4.81
C ASP B 73 -3.46 15.30 -3.34
N SER B 74 -4.13 14.21 -2.98
CA SER B 74 -4.65 14.05 -1.63
C SER B 74 -4.25 12.73 -0.99
N VAL B 75 -4.58 12.59 0.29
CA VAL B 75 -4.28 11.37 1.04
C VAL B 75 -5.48 10.92 1.85
N VAL B 76 -5.82 9.63 1.74
CA VAL B 76 -6.89 9.05 2.55
C VAL B 76 -6.40 8.76 3.96
N ASN B 77 -7.01 9.41 4.95
CA ASN B 77 -6.67 9.17 6.34
C ASN B 77 -7.58 8.12 6.96
N VAL B 78 -7.11 6.88 6.98
CA VAL B 78 -7.91 5.75 7.46
C VAL B 78 -8.02 5.74 8.98
N THR B 79 -7.31 6.64 9.64
CA THR B 79 -7.38 6.77 11.09
C THR B 79 -8.49 7.73 11.48
N ALA B 80 -8.99 8.49 10.51
CA ALA B 80 -10.08 9.43 10.74
C ALA B 80 -11.35 8.97 10.04
N ILE B 81 -12.18 8.22 10.76
CA ILE B 81 -13.42 7.70 10.21
C ILE B 81 -14.64 8.40 10.79
N VAL B 82 -15.47 8.94 9.91
CA VAL B 82 -16.68 9.65 10.34
C VAL B 82 -17.94 9.00 9.81
N THR B 83 -19.02 9.12 10.57
CA THR B 83 -20.33 8.65 10.15
C THR B 83 -21.25 9.85 9.91
N LEU B 84 -21.51 10.14 8.64
CA LEU B 84 -22.26 11.33 8.27
C LEU B 84 -23.60 11.00 7.63
N ASN B 85 -24.57 11.89 7.81
CA ASN B 85 -25.85 11.78 7.14
C ASN B 85 -25.67 11.80 5.63
N LYS B 86 -26.60 11.17 4.91
CA LYS B 86 -26.55 11.16 3.46
C LYS B 86 -26.79 12.55 2.91
N THR B 87 -27.52 13.36 3.65
CA THR B 87 -27.81 14.74 3.26
C THR B 87 -26.60 15.64 3.39
N ASP B 88 -25.61 15.20 4.17
CA ASP B 88 -24.41 15.99 4.41
C ASP B 88 -23.45 15.97 3.22
N LEU B 89 -23.59 14.95 2.37
CA LEU B 89 -22.74 14.84 1.19
C LEU B 89 -23.23 15.77 0.08
N THR B 90 -22.29 16.40 -0.61
CA THR B 90 -22.62 17.33 -1.69
C THR B 90 -22.14 16.83 -3.05
N ASP B 91 -21.11 17.47 -3.58
CA ASP B 91 -20.61 17.14 -4.92
C ASP B 91 -19.97 15.76 -5.00
N ARG B 92 -20.30 15.02 -6.05
CA ARG B 92 -19.60 13.77 -6.34
C ARG B 92 -18.45 14.09 -7.29
N VAL B 93 -17.25 14.18 -6.74
CA VAL B 93 -16.11 14.67 -7.50
C VAL B 93 -15.45 13.56 -8.33
N GLY B 94 -15.42 12.34 -7.80
CA GLY B 94 -14.79 11.24 -8.51
C GLY B 94 -14.86 9.90 -7.82
N GLU B 95 -14.31 8.88 -8.46
CA GLU B 95 -14.32 7.53 -7.92
C GLU B 95 -12.91 6.94 -7.84
N VAL B 96 -12.62 6.26 -6.75
CA VAL B 96 -11.32 5.62 -6.56
C VAL B 96 -11.29 4.25 -7.23
N PRO B 97 -10.37 4.07 -8.20
CA PRO B 97 -10.20 2.80 -8.94
C PRO B 97 -9.95 1.60 -8.02
N ALA B 98 -10.13 0.40 -8.57
CA ALA B 98 -10.05 -0.83 -7.80
C ALA B 98 -8.71 -1.02 -7.12
N SER B 99 -7.63 -0.76 -7.85
CA SER B 99 -6.28 -0.96 -7.33
C SER B 99 -6.00 -0.12 -6.09
N LEU B 100 -6.47 1.12 -6.10
CA LEU B 100 -6.25 2.03 -4.98
C LEU B 100 -7.21 1.75 -3.82
N MET B 101 -8.45 1.37 -4.15
CA MET B 101 -9.42 1.04 -3.12
C MET B 101 -9.00 -0.21 -2.36
N HIS B 102 -8.31 -1.11 -3.04
CA HIS B 102 -7.80 -2.31 -2.40
C HIS B 102 -6.72 -1.96 -1.38
N GLU B 103 -5.92 -0.95 -1.70
CA GLU B 103 -4.91 -0.47 -0.76
C GLU B 103 -5.57 0.17 0.44
N VAL B 104 -6.70 0.84 0.21
CA VAL B 104 -7.47 1.44 1.28
C VAL B 104 -8.05 0.36 2.20
N ASP B 105 -8.52 -0.72 1.58
CA ASP B 105 -9.10 -1.83 2.33
C ASP B 105 -8.07 -2.51 3.23
N ARG B 106 -6.86 -2.68 2.70
CA ARG B 106 -5.76 -3.27 3.48
C ARG B 106 -5.40 -2.38 4.67
N GLY B 107 -5.29 -1.09 4.41
CA GLY B 107 -4.99 -0.13 5.46
C GLY B 107 -6.14 -0.02 6.45
N LEU B 108 -7.35 -0.25 5.96
CA LEU B 108 -8.55 -0.23 6.80
C LEU B 108 -8.56 -1.41 7.76
N ARG B 109 -7.99 -2.53 7.31
CA ARG B 109 -7.95 -3.74 8.12
C ARG B 109 -6.87 -3.67 9.20
N ARG B 110 -5.79 -2.94 8.91
CA ARG B 110 -4.73 -2.76 9.89
C ARG B 110 -5.19 -1.89 11.06
N VAL B 111 -5.89 -0.81 10.74
CA VAL B 111 -6.35 0.15 11.75
C VAL B 111 -7.45 -0.43 12.62
N LEU B 112 -8.34 -1.22 12.02
CA LEU B 112 -9.49 -1.75 12.74
C LEU B 112 -9.28 -3.19 13.18
N ASP B 113 -8.07 -3.69 12.97
CA ASP B 113 -7.73 -5.09 13.26
C ASP B 113 -8.70 -6.06 12.57
N LEU B 114 -9.03 -5.78 11.31
CA LEU B 114 -9.88 -6.66 10.50
C LEU B 114 -9.07 -7.26 9.37
N VAL C 2 2.75 -11.27 -25.24
CA VAL C 2 3.54 -12.36 -25.80
C VAL C 2 4.69 -12.72 -24.86
N ILE C 3 5.10 -11.75 -24.05
CA ILE C 3 6.22 -11.95 -23.14
C ILE C 3 5.78 -12.56 -21.81
N SER C 4 6.31 -13.73 -21.49
CA SER C 4 6.07 -14.36 -20.21
C SER C 4 7.36 -14.45 -19.42
N ARG C 5 7.24 -14.68 -18.11
CA ARG C 5 8.40 -14.75 -17.24
C ARG C 5 9.26 -15.96 -17.60
N ALA C 6 10.50 -15.96 -17.11
CA ALA C 6 11.45 -17.06 -17.29
C ALA C 6 11.92 -17.22 -18.74
N GLU C 7 11.67 -16.21 -19.57
CA GLU C 7 12.09 -16.26 -20.96
C GLU C 7 13.44 -15.55 -21.16
N ILE C 8 14.22 -16.02 -22.13
CA ILE C 8 15.52 -15.44 -22.41
C ILE C 8 15.57 -14.82 -23.81
N TYR C 9 15.92 -13.54 -23.87
CA TYR C 9 16.02 -12.82 -25.14
C TYR C 9 17.43 -12.27 -25.37
N TRP C 10 17.79 -12.07 -26.63
CA TRP C 10 18.99 -11.32 -26.98
C TRP C 10 18.65 -9.84 -27.04
N ALA C 11 19.23 -9.04 -26.15
CA ALA C 11 18.87 -7.63 -26.06
C ALA C 11 20.07 -6.71 -26.23
N ASP C 12 19.83 -5.55 -26.85
CA ASP C 12 20.84 -4.51 -26.95
C ASP C 12 20.80 -3.64 -25.70
N LEU C 13 21.67 -3.96 -24.76
CA LEU C 13 21.69 -3.30 -23.45
C LEU C 13 22.13 -1.85 -23.56
N GLY C 14 23.10 -1.59 -24.45
CA GLY C 14 23.56 -0.25 -24.70
C GLY C 14 24.42 0.34 -23.61
N PRO C 15 23.94 1.40 -22.95
CA PRO C 15 24.67 2.06 -21.86
C PRO C 15 24.65 1.27 -20.56
N PRO C 16 25.83 1.05 -19.95
CA PRO C 16 25.95 0.35 -18.67
C PRO C 16 25.98 1.30 -17.49
N PRO C 21 25.91 -3.60 -18.05
CA PRO C 21 25.13 -4.13 -19.16
C PRO C 21 25.33 -3.32 -20.45
N ALA C 22 26.09 -3.85 -21.39
CA ALA C 22 26.39 -3.14 -22.62
C ALA C 22 26.29 -4.05 -23.86
N LYS C 23 25.67 -3.51 -24.91
CA LYS C 23 25.57 -4.17 -26.21
C LYS C 23 24.80 -5.48 -26.15
N ARG C 24 25.01 -6.33 -27.16
CA ARG C 24 24.22 -7.53 -27.36
C ARG C 24 24.50 -8.62 -26.32
N ARG C 25 23.59 -8.77 -25.37
CA ARG C 25 23.70 -9.81 -24.34
C ARG C 25 22.35 -10.50 -24.11
N PRO C 26 22.39 -11.75 -23.61
CA PRO C 26 21.15 -12.44 -23.25
C PRO C 26 20.54 -11.86 -21.98
N VAL C 27 19.21 -11.79 -21.92
CA VAL C 27 18.53 -11.28 -20.73
C VAL C 27 17.44 -12.24 -20.28
N LEU C 28 17.22 -12.32 -18.98
CA LEU C 28 16.21 -13.22 -18.43
C LEU C 28 15.03 -12.44 -17.85
N VAL C 29 13.86 -12.62 -18.44
CA VAL C 29 12.65 -11.94 -17.99
C VAL C 29 12.26 -12.38 -16.58
N ILE C 30 12.43 -11.47 -15.62
CA ILE C 30 12.10 -11.75 -14.22
C ILE C 30 10.84 -11.01 -13.80
N GLN C 31 10.32 -10.18 -14.69
CA GLN C 31 9.09 -9.43 -14.41
C GLN C 31 7.88 -10.34 -14.49
N SER C 32 6.92 -10.13 -13.60
CA SER C 32 5.75 -11.01 -13.50
C SER C 32 4.81 -10.88 -14.69
N ASP C 33 4.11 -11.97 -15.00
CA ASP C 33 3.17 -12.04 -16.11
C ASP C 33 2.03 -11.01 -16.07
N PRO C 34 1.44 -10.73 -14.88
CA PRO C 34 0.42 -9.69 -14.87
C PRO C 34 0.92 -8.34 -15.35
N TYR C 35 2.16 -8.00 -15.03
CA TYR C 35 2.75 -6.74 -15.47
C TYR C 35 3.26 -6.83 -16.91
N ASN C 36 3.65 -8.03 -17.32
CA ASN C 36 4.11 -8.26 -18.69
C ASN C 36 3.00 -8.06 -19.71
N ALA C 37 1.77 -8.35 -19.29
CA ALA C 37 0.62 -8.27 -20.19
C ALA C 37 -0.21 -6.99 -19.96
N SER C 38 0.06 -6.33 -18.84
CA SER C 38 -0.67 -5.13 -18.43
C SER C 38 -0.87 -4.13 -19.57
N ARG C 39 0.27 -3.72 -20.15
CA ARG C 39 0.40 -2.81 -21.28
C ARG C 39 1.79 -2.22 -21.14
N LEU C 40 1.95 -1.43 -20.09
CA LEU C 40 3.22 -0.80 -19.73
C LEU C 40 3.92 -0.22 -20.94
N ALA C 41 5.16 -0.66 -21.14
CA ALA C 41 5.99 -0.31 -22.28
C ALA C 41 7.32 -1.02 -22.10
N THR C 42 7.52 -1.56 -20.90
CA THR C 42 8.83 -2.05 -20.48
C THR C 42 8.79 -3.41 -19.78
N VAL C 43 9.93 -4.10 -19.81
CA VAL C 43 10.11 -5.36 -19.11
C VAL C 43 11.36 -5.32 -18.25
N ILE C 44 11.24 -5.72 -16.99
CA ILE C 44 12.39 -5.84 -16.11
C ILE C 44 13.04 -7.20 -16.27
N ALA C 45 14.33 -7.22 -16.55
CA ALA C 45 15.05 -8.47 -16.78
C ALA C 45 16.42 -8.48 -16.12
N ALA C 46 17.00 -9.67 -15.99
CA ALA C 46 18.33 -9.82 -15.42
C ALA C 46 19.36 -10.15 -16.50
N VAL C 47 20.47 -9.43 -16.50
CA VAL C 47 21.51 -9.63 -17.51
C VAL C 47 22.27 -10.93 -17.29
N ILE C 48 22.33 -11.75 -18.33
CA ILE C 48 23.06 -13.02 -18.26
C ILE C 48 24.45 -12.88 -18.88
N THR C 49 25.45 -13.38 -18.19
CA THR C 49 26.82 -13.31 -18.70
C THR C 49 27.45 -14.69 -18.82
N SER C 50 28.45 -14.80 -19.68
CA SER C 50 29.24 -16.03 -19.80
C SER C 50 30.63 -15.79 -19.26
N ASN C 51 30.97 -14.51 -19.07
CA ASN C 51 32.25 -14.12 -18.46
C ASN C 51 32.38 -14.70 -17.06
N THR C 52 31.55 -14.24 -16.15
CA THR C 52 31.54 -14.77 -14.80
C THR C 52 30.83 -16.12 -14.80
N ALA C 53 31.46 -17.12 -15.41
CA ALA C 53 30.90 -18.45 -15.51
C ALA C 53 31.01 -19.20 -14.19
N LEU C 54 31.51 -18.50 -13.17
CA LEU C 54 31.71 -19.09 -11.86
C LEU C 54 30.40 -19.32 -11.14
N ALA C 55 29.52 -18.32 -11.19
CA ALA C 55 28.32 -18.26 -10.36
C ALA C 55 28.73 -18.33 -8.90
N ALA C 56 29.96 -17.92 -8.62
CA ALA C 56 30.50 -17.95 -7.27
C ALA C 56 30.05 -16.72 -6.49
N MET C 57 29.51 -15.74 -7.20
CA MET C 57 28.93 -14.56 -6.56
C MET C 57 27.56 -14.91 -6.00
N PRO C 58 27.35 -14.60 -4.72
CA PRO C 58 26.22 -15.03 -3.86
C PRO C 58 24.86 -15.17 -4.54
N GLY C 59 24.44 -14.17 -5.30
CA GLY C 59 23.12 -14.19 -5.89
C GLY C 59 23.03 -14.89 -7.24
N ASN C 60 24.17 -14.99 -7.92
CA ASN C 60 24.22 -15.49 -9.28
C ASN C 60 23.80 -16.96 -9.43
N VAL C 61 23.26 -17.29 -10.60
CA VAL C 61 22.76 -18.63 -10.88
C VAL C 61 23.38 -19.19 -12.16
N PHE C 62 23.94 -20.40 -12.07
CA PHE C 62 24.60 -21.02 -13.21
C PHE C 62 23.60 -21.61 -14.20
N LEU C 63 23.83 -21.34 -15.48
CA LEU C 63 22.99 -21.88 -16.55
C LEU C 63 23.80 -22.74 -17.52
N PRO C 64 23.65 -24.06 -17.43
CA PRO C 64 24.31 -24.97 -18.36
C PRO C 64 23.87 -24.72 -19.81
N ALA C 65 24.79 -24.85 -20.75
CA ALA C 65 24.48 -24.65 -22.16
C ALA C 65 23.49 -25.71 -22.64
N THR C 66 23.48 -26.85 -21.97
CA THR C 66 22.60 -27.95 -22.32
C THR C 66 21.14 -27.67 -21.97
N THR C 67 20.94 -26.94 -20.87
CA THR C 67 19.58 -26.63 -20.42
C THR C 67 18.95 -25.55 -21.30
N THR C 68 19.73 -24.52 -21.61
CA THR C 68 19.25 -23.45 -22.48
C THR C 68 19.53 -23.77 -23.95
N ARG C 69 19.13 -22.88 -24.84
CA ARG C 69 19.45 -23.01 -26.24
C ARG C 69 20.59 -22.05 -26.59
N LEU C 70 21.12 -21.40 -25.55
CA LEU C 70 22.28 -20.53 -25.68
C LEU C 70 23.53 -21.34 -26.00
N PRO C 71 24.43 -20.76 -26.81
CA PRO C 71 25.64 -21.45 -27.29
C PRO C 71 26.54 -21.99 -26.18
N ARG C 72 26.77 -21.19 -25.15
CA ARG C 72 27.73 -21.55 -24.10
C ARG C 72 27.10 -21.59 -22.72
N ASP C 73 27.86 -22.10 -21.75
CA ASP C 73 27.42 -22.07 -20.36
C ASP C 73 27.26 -20.64 -19.89
N SER C 74 26.16 -20.36 -19.21
CA SER C 74 25.83 -19.00 -18.83
C SER C 74 25.61 -18.86 -17.33
N VAL C 75 25.58 -17.62 -16.85
CA VAL C 75 25.33 -17.34 -15.44
C VAL C 75 24.46 -16.10 -15.27
N VAL C 76 23.34 -16.25 -14.57
CA VAL C 76 22.44 -15.14 -14.31
C VAL C 76 23.06 -14.16 -13.32
N ASN C 77 23.33 -12.95 -13.79
CA ASN C 77 23.89 -11.92 -12.93
C ASN C 77 22.77 -11.08 -12.30
N VAL C 78 22.32 -11.52 -11.12
CA VAL C 78 21.18 -10.91 -10.44
C VAL C 78 21.45 -9.43 -10.09
N THR C 79 22.70 -9.11 -9.82
CA THR C 79 23.08 -7.73 -9.50
C THR C 79 22.97 -6.81 -10.72
N ALA C 80 22.95 -7.42 -11.89
CA ALA C 80 22.81 -6.66 -13.14
C ALA C 80 21.41 -6.83 -13.72
N ILE C 81 20.45 -6.09 -13.17
CA ILE C 81 19.09 -6.14 -13.67
C ILE C 81 18.69 -4.84 -14.35
N VAL C 82 18.04 -4.95 -15.51
CA VAL C 82 17.71 -3.78 -16.32
C VAL C 82 16.24 -3.71 -16.67
N THR C 83 15.80 -2.53 -17.10
CA THR C 83 14.44 -2.33 -17.57
C THR C 83 14.47 -1.95 -19.05
N LEU C 84 13.90 -2.81 -19.89
CA LEU C 84 14.02 -2.65 -21.33
C LEU C 84 12.66 -2.49 -22.01
N ASN C 85 12.63 -1.81 -23.15
CA ASN C 85 11.43 -1.76 -23.97
C ASN C 85 11.16 -3.12 -24.60
N LYS C 86 9.89 -3.52 -24.62
CA LYS C 86 9.50 -4.84 -25.09
C LYS C 86 9.82 -5.03 -26.57
N THR C 87 9.93 -3.92 -27.30
CA THR C 87 10.23 -3.96 -28.72
C THR C 87 11.72 -4.23 -28.96
N ASP C 88 12.54 -3.87 -27.97
CA ASP C 88 13.99 -4.01 -28.09
C ASP C 88 14.47 -5.43 -27.81
N LEU C 89 13.57 -6.30 -27.36
CA LEU C 89 13.94 -7.66 -26.96
C LEU C 89 14.25 -8.57 -28.15
N THR C 90 13.59 -8.31 -29.28
CA THR C 90 13.80 -9.09 -30.51
C THR C 90 13.62 -10.60 -30.30
N ASP C 91 14.67 -11.36 -30.62
CA ASP C 91 14.57 -12.82 -30.64
C ASP C 91 14.72 -13.45 -29.26
N ARG C 92 13.90 -14.46 -29.00
CA ARG C 92 13.98 -15.22 -27.75
C ARG C 92 14.76 -16.51 -27.97
N VAL C 93 15.61 -16.86 -27.01
CA VAL C 93 16.42 -18.07 -27.11
C VAL C 93 15.68 -19.28 -26.57
N GLY C 94 15.14 -19.16 -25.36
CA GLY C 94 14.41 -20.25 -24.74
C GLY C 94 13.83 -19.90 -23.38
N GLU C 95 13.56 -20.92 -22.59
CA GLU C 95 12.97 -20.73 -21.27
C GLU C 95 13.83 -21.38 -20.18
N VAL C 96 13.92 -20.72 -19.03
CA VAL C 96 14.63 -21.27 -17.88
C VAL C 96 13.71 -22.19 -17.09
N PRO C 97 14.16 -23.43 -16.84
CA PRO C 97 13.39 -24.44 -16.09
C PRO C 97 12.90 -23.92 -14.74
N ALA C 98 11.81 -24.50 -14.25
CA ALA C 98 11.20 -24.07 -12.99
C ALA C 98 12.19 -24.18 -11.83
N SER C 99 12.93 -25.29 -11.80
CA SER C 99 13.92 -25.52 -10.76
C SER C 99 15.02 -24.47 -10.78
N LEU C 100 15.44 -24.09 -11.99
CA LEU C 100 16.49 -23.09 -12.15
C LEU C 100 15.95 -21.68 -11.93
N MET C 101 14.67 -21.46 -12.25
CA MET C 101 14.04 -20.17 -12.01
C MET C 101 13.85 -19.93 -10.52
N HIS C 102 13.64 -21.02 -9.78
CA HIS C 102 13.55 -20.94 -8.33
C HIS C 102 14.88 -20.48 -7.75
N GLU C 103 15.98 -20.90 -8.39
CA GLU C 103 17.30 -20.46 -8.00
C GLU C 103 17.45 -18.96 -8.23
N VAL C 104 16.86 -18.49 -9.34
CA VAL C 104 16.89 -17.07 -9.67
C VAL C 104 16.05 -16.28 -8.67
N ASP C 105 14.89 -16.83 -8.31
CA ASP C 105 14.01 -16.21 -7.33
C ASP C 105 14.73 -16.00 -6.00
N ARG C 106 15.30 -17.08 -5.46
CA ARG C 106 16.02 -17.03 -4.20
C ARG C 106 17.14 -15.99 -4.26
N GLY C 107 17.80 -15.91 -5.41
CA GLY C 107 18.85 -14.94 -5.62
C GLY C 107 18.32 -13.51 -5.64
N LEU C 108 17.15 -13.33 -6.23
CA LEU C 108 16.51 -12.02 -6.31
C LEU C 108 16.15 -11.48 -4.94
N ARG C 109 15.60 -12.34 -4.09
CA ARG C 109 15.27 -11.97 -2.71
C ARG C 109 16.53 -11.61 -1.94
N ARG C 110 17.61 -12.34 -2.22
CA ARG C 110 18.87 -12.16 -1.50
C ARG C 110 19.55 -10.82 -1.79
N VAL C 111 19.47 -10.37 -3.04
CA VAL C 111 20.16 -9.15 -3.45
C VAL C 111 19.33 -7.90 -3.16
N LEU C 112 18.01 -8.03 -3.27
CA LEU C 112 17.13 -6.87 -3.09
C LEU C 112 16.55 -6.78 -1.67
N ASP C 113 16.93 -7.72 -0.82
CA ASP C 113 16.48 -7.75 0.57
C ASP C 113 14.96 -7.76 0.67
N LEU C 114 14.34 -8.77 0.08
CA LEU C 114 12.89 -8.88 0.04
C LEU C 114 12.40 -10.11 0.80
N ARG D 5 20.99 0.85 1.25
CA ARG D 5 19.62 0.55 0.88
C ARG D 5 18.66 1.52 1.56
N ALA D 6 17.49 1.73 0.95
CA ALA D 6 16.48 2.67 1.41
C ALA D 6 17.00 4.11 1.38
N GLU D 7 18.11 4.32 0.69
CA GLU D 7 18.70 5.65 0.54
C GLU D 7 18.33 6.25 -0.80
N ILE D 8 18.17 7.58 -0.83
CA ILE D 8 17.80 8.28 -2.06
C ILE D 8 18.97 9.07 -2.61
N TYR D 9 19.25 8.90 -3.91
CA TYR D 9 20.37 9.56 -4.54
C TYR D 9 20.01 10.17 -5.90
N TRP D 10 20.63 11.30 -6.23
CA TRP D 10 20.47 11.91 -7.54
C TRP D 10 21.32 11.22 -8.59
N ALA D 11 20.67 10.47 -9.48
CA ALA D 11 21.40 9.67 -10.47
C ALA D 11 21.83 10.48 -11.68
N ASP D 12 23.05 10.22 -12.16
CA ASP D 12 23.56 10.85 -13.38
C ASP D 12 23.62 9.86 -14.54
N LEU D 13 22.72 8.87 -14.51
CA LEU D 13 22.67 7.82 -15.53
C LEU D 13 24.02 7.11 -15.68
N LYS D 23 17.48 12.00 -17.94
CA LYS D 23 18.71 12.20 -17.21
C LYS D 23 18.47 13.01 -15.93
N ARG D 24 19.42 12.91 -15.00
CA ARG D 24 19.37 13.64 -13.73
C ARG D 24 18.07 13.39 -12.97
N ARG D 25 17.89 12.16 -12.51
CA ARG D 25 16.74 11.79 -11.70
C ARG D 25 17.17 11.22 -10.35
N PRO D 26 16.33 11.39 -9.32
CA PRO D 26 16.59 10.71 -8.04
C PRO D 26 16.30 9.22 -8.15
N VAL D 27 17.09 8.40 -7.47
CA VAL D 27 16.85 6.97 -7.45
C VAL D 27 16.90 6.43 -6.03
N LEU D 28 16.11 5.39 -5.77
CA LEU D 28 16.02 4.80 -4.44
C LEU D 28 16.76 3.46 -4.41
N VAL D 29 17.90 3.45 -3.71
CA VAL D 29 18.74 2.26 -3.64
C VAL D 29 18.02 1.10 -2.97
N ILE D 30 17.81 0.02 -3.74
CA ILE D 30 17.14 -1.16 -3.23
C ILE D 30 18.10 -2.34 -3.11
N GLN D 31 19.33 -2.13 -3.57
CA GLN D 31 20.38 -3.14 -3.42
C GLN D 31 20.85 -3.17 -1.96
N SER D 32 21.02 -4.37 -1.43
CA SER D 32 21.38 -4.54 -0.02
C SER D 32 22.76 -3.96 0.31
N ASP D 33 22.93 -3.54 1.56
CA ASP D 33 24.17 -2.97 2.04
C ASP D 33 25.42 -3.85 1.87
N PRO D 34 25.32 -5.18 2.08
CA PRO D 34 26.51 -5.99 1.82
C PRO D 34 27.03 -5.87 0.38
N TYR D 35 26.13 -5.86 -0.59
CA TYR D 35 26.52 -5.68 -1.99
C TYR D 35 26.98 -4.25 -2.25
N ASN D 36 26.37 -3.30 -1.56
CA ASN D 36 26.69 -1.88 -1.75
C ASN D 36 28.13 -1.54 -1.41
N ALA D 37 28.72 -2.29 -0.48
CA ALA D 37 30.10 -2.07 -0.09
C ALA D 37 31.05 -2.94 -0.89
N SER D 38 30.60 -4.14 -1.22
CA SER D 38 31.43 -5.09 -1.95
C SER D 38 31.53 -4.74 -3.43
N ARG D 39 30.40 -4.87 -4.13
CA ARG D 39 30.39 -4.91 -5.58
C ARG D 39 30.61 -3.58 -6.30
N LEU D 40 31.77 -3.51 -6.98
CA LEU D 40 32.01 -2.63 -8.12
C LEU D 40 31.41 -1.23 -8.09
N ALA D 41 30.99 -0.79 -9.27
CA ALA D 41 30.34 0.50 -9.44
C ALA D 41 28.82 0.33 -9.41
N THR D 42 28.37 -0.84 -9.88
CA THR D 42 26.95 -1.10 -10.08
C THR D 42 26.14 -1.05 -8.78
N VAL D 43 24.99 -0.37 -8.86
CA VAL D 43 24.01 -0.35 -7.78
C VAL D 43 22.61 -0.53 -8.36
N ILE D 44 21.80 -1.36 -7.71
CA ILE D 44 20.40 -1.53 -8.11
C ILE D 44 19.54 -0.49 -7.43
N ALA D 45 18.68 0.19 -8.22
CA ALA D 45 17.83 1.23 -7.68
C ALA D 45 16.51 1.34 -8.45
N ALA D 46 15.49 1.89 -7.79
CA ALA D 46 14.21 2.15 -8.42
C ALA D 46 14.08 3.63 -8.74
N VAL D 47 13.68 3.94 -9.97
CA VAL D 47 13.60 5.31 -10.44
C VAL D 47 12.50 6.10 -9.75
N ILE D 48 12.82 7.31 -9.30
CA ILE D 48 11.87 8.18 -8.64
C ILE D 48 11.36 9.26 -9.60
N THR D 49 10.04 9.42 -9.67
CA THR D 49 9.46 10.42 -10.56
C THR D 49 8.78 11.54 -9.78
N SER D 50 8.84 12.75 -10.32
CA SER D 50 8.15 13.89 -9.74
C SER D 50 6.67 13.83 -10.09
N ASN D 51 6.32 12.93 -11.01
CA ASN D 51 4.96 12.78 -11.50
C ASN D 51 4.14 11.95 -10.51
N THR D 52 3.55 12.62 -9.53
CA THR D 52 2.65 11.98 -8.57
C THR D 52 1.39 11.49 -9.28
N ALA D 53 1.17 12.00 -10.49
CA ALA D 53 0.09 11.52 -11.34
C ALA D 53 0.34 10.07 -11.76
N LEU D 54 1.61 9.72 -11.92
CA LEU D 54 2.00 8.37 -12.32
C LEU D 54 1.72 7.36 -11.21
N ALA D 55 1.61 7.85 -9.97
CA ALA D 55 1.27 6.99 -8.85
C ALA D 55 -0.05 6.28 -9.13
N ALA D 56 -0.20 5.11 -8.49
CA ALA D 56 -1.40 4.25 -8.50
C ALA D 56 -1.39 3.19 -9.60
N MET D 57 -0.26 3.00 -10.27
CA MET D 57 -0.06 1.77 -11.02
C MET D 57 0.45 0.75 -10.03
N PRO D 58 -0.30 -0.34 -9.83
CA PRO D 58 -0.11 -1.34 -8.78
C PRO D 58 1.36 -1.65 -8.47
N GLY D 59 1.80 -1.27 -7.28
CA GLY D 59 3.17 -1.54 -6.86
C GLY D 59 3.96 -0.30 -6.45
N ASN D 60 3.77 0.78 -7.19
CA ASN D 60 4.50 2.02 -6.91
C ASN D 60 4.08 2.66 -5.59
N VAL D 61 4.95 3.49 -5.03
CA VAL D 61 4.71 4.08 -3.73
C VAL D 61 5.03 5.58 -3.70
N PHE D 62 4.07 6.36 -3.22
CA PHE D 62 4.20 7.81 -3.14
C PHE D 62 5.10 8.23 -1.98
N LEU D 63 5.99 9.18 -2.24
CA LEU D 63 6.88 9.69 -1.21
C LEU D 63 6.64 11.18 -0.94
N PRO D 64 6.15 11.51 0.26
CA PRO D 64 5.96 12.90 0.65
C PRO D 64 7.29 13.64 0.78
N ALA D 65 7.36 14.87 0.29
CA ALA D 65 8.58 15.67 0.36
C ALA D 65 8.98 15.96 1.80
N THR D 66 7.99 15.95 2.69
CA THR D 66 8.22 16.22 4.10
C THR D 66 9.01 15.10 4.79
N THR D 67 9.05 13.94 4.16
CA THR D 67 9.71 12.78 4.75
C THR D 67 11.04 12.45 4.09
N THR D 68 11.15 12.75 2.80
CA THR D 68 12.34 12.36 2.03
C THR D 68 13.35 13.49 1.87
N ARG D 69 12.96 14.70 2.24
CA ARG D 69 13.76 15.90 2.05
C ARG D 69 14.01 16.20 0.56
N LEU D 70 13.21 15.60 -0.31
CA LEU D 70 13.24 15.91 -1.72
C LEU D 70 12.55 17.24 -1.97
N PRO D 71 12.91 17.93 -3.07
CA PRO D 71 12.30 19.23 -3.39
C PRO D 71 10.78 19.19 -3.48
N ARG D 72 10.22 18.11 -4.02
CA ARG D 72 8.77 18.00 -4.15
C ARG D 72 8.28 16.58 -3.92
N ASP D 73 6.96 16.41 -3.82
CA ASP D 73 6.35 15.11 -3.65
C ASP D 73 6.70 14.20 -4.83
N SER D 74 7.06 12.96 -4.54
CA SER D 74 7.55 12.06 -5.57
C SER D 74 6.98 10.65 -5.46
N VAL D 75 7.29 9.82 -6.46
CA VAL D 75 6.81 8.45 -6.49
C VAL D 75 7.94 7.49 -6.87
N VAL D 76 8.09 6.41 -6.10
CA VAL D 76 9.04 5.36 -6.45
C VAL D 76 8.45 4.45 -7.51
N ASN D 77 9.06 4.45 -8.69
CA ASN D 77 8.57 3.62 -9.79
C ASN D 77 9.21 2.24 -9.75
N VAL D 78 8.48 1.28 -9.17
CA VAL D 78 8.95 -0.10 -9.04
C VAL D 78 9.13 -0.74 -10.41
N THR D 79 8.30 -0.32 -11.36
CA THR D 79 8.38 -0.85 -12.73
C THR D 79 9.64 -0.38 -13.44
N ALA D 80 10.24 0.69 -12.94
CA ALA D 80 11.45 1.25 -13.54
C ALA D 80 12.69 0.95 -12.69
N ILE D 81 13.41 -0.10 -13.04
CA ILE D 81 14.60 -0.51 -12.31
C ILE D 81 15.85 -0.29 -13.14
N VAL D 82 16.87 0.33 -12.54
CA VAL D 82 18.12 0.62 -13.23
C VAL D 82 19.33 0.09 -12.46
N THR D 83 20.34 -0.35 -13.22
CA THR D 83 21.61 -0.75 -12.63
C THR D 83 22.69 0.22 -13.09
N LEU D 84 23.10 1.11 -12.20
CA LEU D 84 24.05 2.17 -12.55
C LEU D 84 25.31 2.17 -11.70
N ASN D 85 26.30 2.93 -12.14
CA ASN D 85 27.55 3.07 -11.39
C ASN D 85 27.39 4.00 -10.19
N LYS D 86 28.16 3.74 -9.13
CA LYS D 86 28.08 4.51 -7.89
C LYS D 86 28.45 5.98 -8.11
N THR D 87 29.32 6.24 -9.07
CA THR D 87 29.75 7.60 -9.38
C THR D 87 28.61 8.44 -9.94
N ASP D 88 27.54 7.78 -10.35
CA ASP D 88 26.36 8.47 -10.87
C ASP D 88 25.40 8.86 -9.76
N LEU D 89 25.56 8.25 -8.59
CA LEU D 89 24.61 8.44 -7.49
C LEU D 89 24.69 9.82 -6.84
N THR D 90 25.87 10.41 -6.81
CA THR D 90 26.08 11.78 -6.33
C THR D 90 25.42 12.08 -4.97
N ASP D 91 24.49 13.05 -4.98
CA ASP D 91 23.88 13.57 -3.76
C ASP D 91 23.04 12.57 -3.00
N ARG D 92 23.19 12.55 -1.67
CA ARG D 92 22.28 11.83 -0.81
C ARG D 92 21.17 12.76 -0.33
N VAL D 93 19.93 12.41 -0.63
CA VAL D 93 18.81 13.26 -0.25
C VAL D 93 18.30 12.91 1.14
N GLY D 94 18.02 11.62 1.35
CA GLY D 94 17.53 11.14 2.62
C GLY D 94 17.17 9.67 2.54
N GLU D 95 16.60 9.13 3.61
CA GLU D 95 16.20 7.73 3.63
C GLU D 95 14.69 7.58 3.75
N VAL D 96 14.15 6.62 3.01
CA VAL D 96 12.72 6.30 3.09
C VAL D 96 12.42 5.56 4.38
N PRO D 97 11.47 6.08 5.18
CA PRO D 97 11.08 5.49 6.46
C PRO D 97 10.63 4.04 6.33
N ALA D 98 10.75 3.28 7.41
CA ALA D 98 10.47 1.84 7.40
C ALA D 98 9.04 1.53 6.97
N SER D 99 8.11 2.40 7.30
CA SER D 99 6.70 2.21 6.93
C SER D 99 6.52 2.23 5.42
N LEU D 100 7.05 3.28 4.79
CA LEU D 100 6.95 3.41 3.34
C LEU D 100 7.86 2.41 2.63
N MET D 101 9.00 2.11 3.24
CA MET D 101 9.96 1.18 2.66
C MET D 101 9.42 -0.25 2.61
N HIS D 102 8.58 -0.61 3.56
CA HIS D 102 7.96 -1.94 3.55
C HIS D 102 6.89 -1.98 2.48
N GLU D 103 6.34 -0.83 2.14
CA GLU D 103 5.40 -0.73 1.02
C GLU D 103 6.18 -0.85 -0.29
N VAL D 104 7.41 -0.36 -0.28
CA VAL D 104 8.31 -0.53 -1.43
C VAL D 104 8.62 -2.01 -1.62
N ASP D 105 8.99 -2.66 -0.52
CA ASP D 105 9.32 -4.09 -0.53
C ASP D 105 8.19 -4.91 -1.15
N ARG D 106 6.96 -4.63 -0.74
CA ARG D 106 5.78 -5.31 -1.28
C ARG D 106 5.66 -5.12 -2.79
N GLY D 107 5.85 -3.88 -3.23
CA GLY D 107 5.77 -3.56 -4.65
C GLY D 107 6.84 -4.26 -5.46
N LEU D 108 8.02 -4.39 -4.86
CA LEU D 108 9.14 -5.09 -5.50
C LEU D 108 8.83 -6.58 -5.64
N ARG D 109 8.26 -7.17 -4.58
CA ARG D 109 7.90 -8.58 -4.61
C ARG D 109 6.78 -8.84 -5.62
N ARG D 110 5.86 -7.89 -5.72
CA ARG D 110 4.72 -8.03 -6.62
C ARG D 110 5.13 -8.02 -8.09
N VAL D 111 5.90 -7.00 -8.48
CA VAL D 111 6.33 -6.84 -9.87
C VAL D 111 7.27 -7.97 -10.30
N LEU D 112 8.10 -8.42 -9.39
CA LEU D 112 9.12 -9.42 -9.72
C LEU D 112 8.70 -10.84 -9.40
N ASP D 113 7.43 -11.03 -9.05
CA ASP D 113 6.88 -12.34 -8.71
C ASP D 113 7.69 -12.99 -7.59
N LEU D 114 7.80 -12.29 -6.47
CA LEU D 114 8.60 -12.76 -5.34
C LEU D 114 7.77 -12.83 -4.06
#